data_7X6Z
#
_entry.id   7X6Z
#
_cell.length_a   80.038
_cell.length_b   80.038
_cell.length_c   53.285
_cell.angle_alpha   90.000
_cell.angle_beta   90.000
_cell.angle_gamma   120.000
#
_symmetry.space_group_name_H-M   'P 65'
#
loop_
_entity.id
_entity.type
_entity.pdbx_description
1 polymer 'E3 ubiquitin-protein ligase TRIM7'
2 polymer peptide
3 water water
#
loop_
_entity_poly.entity_id
_entity_poly.type
_entity_poly.pdbx_seq_one_letter_code
_entity_poly.pdbx_strand_id
1 'polypeptide(L)'
;KEEKVELTLDPDTANPRLILSLDLKGVRLGERAQDLPNHPCRFDTNTRVLASCGFSSGRHHWEVEVGSKDGWAFGVARES
VRRKGLTPFTPEEGVWALQLNGGQYWAVTSPERSPLSCGHLSRVRVALDLEVGAVSFYAVEDMRHLYTFRVNFQERVFPL
FSVCSTGTYLRIWP
;
A
2 'polypeptide(L)' PHTVLQ B
#
# COMPACT_ATOMS: atom_id res chain seq x y z
N VAL A 5 -13.44 -7.28 -13.66
CA VAL A 5 -12.09 -7.73 -13.38
C VAL A 5 -11.52 -7.05 -12.14
N GLU A 6 -11.35 -7.81 -11.06
CA GLU A 6 -10.93 -7.25 -9.79
C GLU A 6 -9.40 -7.27 -9.69
N LEU A 7 -8.88 -6.47 -8.77
CA LEU A 7 -7.44 -6.31 -8.65
C LEU A 7 -6.79 -7.57 -8.08
N THR A 8 -5.56 -7.81 -8.51
CA THR A 8 -4.73 -8.85 -7.90
C THR A 8 -3.32 -8.28 -7.72
N LEU A 9 -2.60 -8.85 -6.76
CA LEU A 9 -1.22 -8.46 -6.51
C LEU A 9 -0.32 -9.01 -7.61
N ASP A 10 0.66 -8.19 -8.01
CA ASP A 10 1.55 -8.54 -9.10
C ASP A 10 2.81 -9.19 -8.56
N PRO A 11 2.99 -10.50 -8.70
CA PRO A 11 4.15 -11.17 -8.07
C PRO A 11 5.48 -10.68 -8.61
N ASP A 12 5.53 -10.14 -9.82
CA ASP A 12 6.80 -9.70 -10.38
C ASP A 12 7.31 -8.42 -9.74
N THR A 13 6.45 -7.69 -9.02
CA THR A 13 6.89 -6.49 -8.30
C THR A 13 7.25 -6.80 -6.85
N ALA A 14 6.86 -7.95 -6.33
CA ALA A 14 6.86 -8.19 -4.90
C ALA A 14 8.27 -8.40 -4.37
N ASN A 15 8.57 -7.74 -3.26
CA ASN A 15 9.79 -8.05 -2.52
C ASN A 15 9.86 -9.54 -2.27
N PRO A 16 11.01 -10.19 -2.46
CA PRO A 16 11.06 -11.66 -2.38
C PRO A 16 10.80 -12.24 -1.00
N ARG A 17 10.77 -11.42 0.05
CA ARG A 17 10.42 -11.91 1.38
C ARG A 17 8.92 -11.95 1.60
N LEU A 18 8.13 -11.26 0.79
CA LEU A 18 6.69 -11.29 0.93
C LEU A 18 6.15 -12.63 0.49
N ILE A 19 5.07 -13.07 1.13
CA ILE A 19 4.34 -14.25 0.72
C ILE A 19 2.97 -13.82 0.24
N LEU A 20 2.69 -14.06 -1.03
CA LEU A 20 1.40 -13.76 -1.61
C LEU A 20 0.48 -14.97 -1.51
N SER A 21 -0.80 -14.72 -1.26
CA SER A 21 -1.75 -15.81 -1.20
C SER A 21 -1.89 -16.45 -2.57
N LEU A 22 -2.39 -17.70 -2.57
CA LEU A 22 -2.58 -18.42 -3.84
C LEU A 22 -3.49 -17.65 -4.79
N ASP A 23 -4.53 -17.01 -4.27
CA ASP A 23 -5.46 -16.25 -5.10
C ASP A 23 -4.95 -14.85 -5.44
N LEU A 24 -3.72 -14.52 -5.05
CA LEU A 24 -3.07 -13.24 -5.36
C LEU A 24 -3.81 -12.04 -4.78
N LYS A 25 -4.62 -12.24 -3.75
CA LYS A 25 -5.29 -11.14 -3.08
C LYS A 25 -4.58 -10.69 -1.82
N GLY A 26 -3.93 -11.61 -1.11
CA GLY A 26 -3.35 -11.29 0.18
C GLY A 26 -1.84 -11.29 0.21
N VAL A 27 -1.27 -10.58 1.17
CA VAL A 27 0.18 -10.49 1.33
C VAL A 27 0.52 -10.43 2.81
N ARG A 28 1.50 -11.22 3.21
CA ARG A 28 2.13 -11.13 4.51
C ARG A 28 3.63 -11.16 4.31
N LEU A 29 4.37 -10.93 5.39
CA LEU A 29 5.83 -10.98 5.35
C LEU A 29 6.28 -12.35 5.80
N GLY A 30 7.16 -12.98 5.01
CA GLY A 30 7.72 -14.27 5.37
C GLY A 30 9.02 -14.13 6.12
N GLU A 31 9.52 -15.28 6.59
CA GLU A 31 10.75 -15.36 7.38
C GLU A 31 11.98 -15.63 6.52
N ARG A 32 11.81 -15.84 5.22
CA ARG A 32 12.92 -16.10 4.31
C ARG A 32 12.67 -15.38 2.99
N ALA A 33 13.75 -15.13 2.26
CA ALA A 33 13.66 -14.53 0.93
C ALA A 33 13.51 -15.64 -0.10
N GLN A 34 12.45 -15.57 -0.90
CA GLN A 34 12.29 -16.51 -2.01
C GLN A 34 13.34 -16.23 -3.07
N ASP A 35 13.70 -17.29 -3.80
CA ASP A 35 14.68 -17.17 -4.88
C ASP A 35 13.93 -16.77 -6.15
N LEU A 36 13.69 -15.49 -6.29
CA LEU A 36 12.98 -14.97 -7.44
C LEU A 36 13.92 -14.16 -8.33
N PRO A 37 13.66 -14.11 -9.63
CA PRO A 37 14.51 -13.32 -10.52
C PRO A 37 14.44 -11.85 -10.15
N ASN A 38 15.60 -11.21 -10.03
CA ASN A 38 15.60 -9.76 -9.86
C ASN A 38 15.31 -9.11 -11.21
N HIS A 39 14.20 -8.37 -11.25
CA HIS A 39 13.59 -7.73 -12.38
C HIS A 39 13.56 -6.24 -12.03
N PRO A 40 13.77 -5.34 -12.99
CA PRO A 40 13.78 -3.91 -12.63
C PRO A 40 12.52 -3.43 -11.91
N CYS A 41 11.40 -4.13 -12.10
CA CYS A 41 10.17 -3.72 -11.47
C CYS A 41 10.00 -4.29 -10.06
N ARG A 42 10.90 -5.15 -9.61
CA ARG A 42 10.75 -5.80 -8.30
C ARG A 42 11.37 -4.94 -7.21
N PHE A 43 10.60 -4.67 -6.15
CA PHE A 43 11.14 -4.02 -4.96
C PHE A 43 12.13 -4.97 -4.30
N ASP A 44 13.41 -4.59 -4.25
CA ASP A 44 14.41 -5.53 -3.77
C ASP A 44 14.79 -5.36 -2.30
N THR A 45 14.32 -4.30 -1.65
CA THR A 45 14.68 -4.05 -0.26
C THR A 45 13.45 -3.69 0.57
N ASN A 46 12.71 -2.68 0.16
CA ASN A 46 11.47 -2.35 0.86
C ASN A 46 10.43 -3.42 0.60
N THR A 47 9.58 -3.66 1.62
CA THR A 47 8.69 -4.82 1.64
C THR A 47 7.37 -4.53 0.93
N ARG A 48 7.46 -4.21 -0.36
CA ARG A 48 6.34 -3.67 -1.11
C ARG A 48 5.94 -4.57 -2.28
N VAL A 49 4.68 -4.43 -2.68
CA VAL A 49 4.13 -5.09 -3.85
C VAL A 49 3.05 -4.17 -4.42
N LEU A 50 2.92 -4.16 -5.74
CA LEU A 50 1.88 -3.40 -6.43
C LEU A 50 0.83 -4.34 -6.97
N ALA A 51 -0.36 -3.81 -7.24
CA ALA A 51 -1.32 -4.56 -8.03
C ALA A 51 -0.84 -4.64 -9.48
N SER A 52 -1.37 -5.62 -10.22
CA SER A 52 -0.95 -5.76 -11.61
C SER A 52 -1.55 -4.70 -12.51
N CYS A 53 -2.62 -4.03 -12.08
CA CYS A 53 -3.28 -3.01 -12.87
C CYS A 53 -2.93 -1.64 -12.31
N GLY A 54 -2.54 -0.71 -13.20
CA GLY A 54 -2.37 0.68 -12.88
C GLY A 54 -3.38 1.52 -13.66
N PHE A 55 -3.51 2.78 -13.24
CA PHE A 55 -4.53 3.67 -13.77
C PHE A 55 -3.90 4.98 -14.23
N SER A 56 -4.31 5.44 -15.40
CA SER A 56 -3.82 6.70 -15.94
C SER A 56 -4.87 7.78 -15.98
N SER A 57 -6.15 7.42 -15.92
CA SER A 57 -7.24 8.38 -15.98
C SER A 57 -8.44 7.76 -15.26
N GLY A 58 -9.44 8.60 -15.00
CA GLY A 58 -10.68 8.12 -14.45
C GLY A 58 -10.69 8.01 -12.93
N ARG A 59 -11.77 7.40 -12.45
CA ARG A 59 -12.02 7.23 -11.03
C ARG A 59 -12.19 5.75 -10.73
N HIS A 60 -11.61 5.29 -9.62
CA HIS A 60 -11.50 3.87 -9.35
C HIS A 60 -11.64 3.59 -7.86
N HIS A 61 -12.28 2.47 -7.54
CA HIS A 61 -12.41 1.99 -6.17
C HIS A 61 -11.79 0.61 -6.02
N TRP A 62 -11.19 0.37 -4.86
CA TRP A 62 -10.91 -0.99 -4.41
C TRP A 62 -10.99 -1.01 -2.89
N GLU A 63 -11.01 -2.20 -2.33
CA GLU A 63 -11.11 -2.36 -0.89
C GLU A 63 -9.98 -3.25 -0.38
N VAL A 64 -9.52 -2.94 0.82
CA VAL A 64 -8.37 -3.61 1.41
C VAL A 64 -8.75 -4.03 2.82
N GLU A 65 -8.75 -5.34 3.07
CA GLU A 65 -8.90 -5.85 4.42
C GLU A 65 -7.57 -5.75 5.13
N VAL A 66 -7.57 -5.23 6.36
CA VAL A 66 -6.34 -4.89 7.07
C VAL A 66 -6.23 -5.70 8.35
N GLY A 67 -5.02 -6.18 8.63
CA GLY A 67 -4.77 -6.86 9.88
C GLY A 67 -4.89 -5.94 11.07
N SER A 68 -5.20 -6.52 12.22
CA SER A 68 -5.36 -5.73 13.44
C SER A 68 -4.02 -5.34 14.06
N LYS A 69 -2.93 -5.99 13.67
CA LYS A 69 -1.61 -5.75 14.25
C LYS A 69 -0.72 -4.90 13.36
N ASP A 70 0.29 -4.29 14.00
CA ASP A 70 1.22 -3.38 13.34
C ASP A 70 1.96 -4.07 12.19
N GLY A 71 2.39 -3.27 11.22
CA GLY A 71 3.29 -3.73 10.20
C GLY A 71 2.92 -3.37 8.78
N TRP A 72 1.69 -2.93 8.55
CA TRP A 72 1.22 -2.67 7.19
C TRP A 72 1.15 -1.19 6.86
N ALA A 73 1.22 -0.93 5.56
CA ALA A 73 0.91 0.35 4.98
C ALA A 73 0.37 0.08 3.57
N PHE A 74 -0.59 0.89 3.14
CA PHE A 74 -1.16 0.66 1.81
C PHE A 74 -1.73 1.96 1.27
N GLY A 75 -1.84 2.01 -0.04
CA GLY A 75 -2.47 3.14 -0.69
C GLY A 75 -2.17 3.09 -2.17
N VAL A 76 -1.50 4.12 -2.68
CA VAL A 76 -1.13 4.17 -4.10
C VAL A 76 0.32 4.65 -4.22
N ALA A 77 0.94 4.27 -5.34
CA ALA A 77 2.27 4.72 -5.71
C ALA A 77 2.27 5.16 -7.16
N ARG A 78 3.00 6.23 -7.45
CA ARG A 78 3.29 6.54 -8.84
C ARG A 78 4.15 5.43 -9.43
N GLU A 79 3.95 5.15 -10.72
CA GLU A 79 4.68 4.04 -11.35
C GLU A 79 6.18 4.19 -11.21
N SER A 80 6.69 5.43 -11.21
CA SER A 80 8.13 5.68 -11.11
C SER A 80 8.68 5.52 -9.70
N VAL A 81 7.86 5.05 -8.74
CA VAL A 81 8.37 4.77 -7.40
C VAL A 81 9.63 3.92 -7.50
N ARG A 82 10.66 4.31 -6.74
CA ARG A 82 11.95 3.62 -6.83
C ARG A 82 11.84 2.21 -6.27
N ARG A 83 12.35 1.25 -7.03
CA ARG A 83 12.26 -0.16 -6.66
C ARG A 83 13.54 -0.70 -6.05
N LYS A 84 14.69 -0.06 -6.30
CA LYS A 84 16.00 -0.64 -5.98
C LYS A 84 16.64 0.08 -4.81
N GLY A 85 17.17 -0.72 -3.88
CA GLY A 85 17.80 -0.18 -2.68
C GLY A 85 16.78 0.19 -1.64
N LEU A 86 17.29 0.59 -0.48
CA LEU A 86 16.43 1.05 0.61
C LEU A 86 15.95 2.46 0.29
N THR A 87 14.62 2.64 0.27
CA THR A 87 14.09 3.95 -0.07
C THR A 87 13.15 4.46 1.03
N PRO A 88 12.99 5.78 1.14
CA PRO A 88 12.00 6.31 2.10
C PRO A 88 10.59 5.94 1.69
N PHE A 89 9.71 5.87 2.70
CA PHE A 89 8.28 5.62 2.50
C PHE A 89 7.58 6.96 2.74
N THR A 90 7.60 7.82 1.73
CA THR A 90 7.15 9.19 1.88
C THR A 90 6.44 9.65 0.62
N PRO A 91 5.58 10.67 0.73
CA PRO A 91 4.97 11.25 -0.48
C PRO A 91 5.98 11.73 -1.51
N GLU A 92 7.15 12.20 -1.07
CA GLU A 92 8.16 12.66 -2.00
C GLU A 92 8.65 11.54 -2.90
N GLU A 93 8.67 10.31 -2.40
CA GLU A 93 9.04 9.14 -3.18
C GLU A 93 7.87 8.60 -3.99
N GLY A 94 6.74 9.28 -3.98
CA GLY A 94 5.60 8.86 -4.79
C GLY A 94 4.76 7.80 -4.14
N VAL A 95 4.67 7.80 -2.81
CA VAL A 95 3.86 6.86 -2.05
C VAL A 95 2.86 7.65 -1.23
N TRP A 96 1.58 7.29 -1.36
CA TRP A 96 0.51 7.96 -0.62
C TRP A 96 -0.30 6.87 0.09
N ALA A 97 -0.15 6.78 1.41
CA ALA A 97 -0.55 5.58 2.11
C ALA A 97 -1.02 5.86 3.53
N LEU A 98 -1.84 4.95 4.04
CA LEU A 98 -2.13 4.81 5.46
C LEU A 98 -1.23 3.73 6.04
N GLN A 99 -1.02 3.79 7.36
CA GLN A 99 -0.09 2.88 8.01
C GLN A 99 -0.57 2.58 9.43
N LEU A 100 -0.33 1.35 9.88
CA LEU A 100 -0.61 0.95 11.25
C LEU A 100 0.71 0.63 11.94
N ASN A 101 1.02 1.40 12.97
CA ASN A 101 2.30 1.26 13.66
C ASN A 101 2.16 1.83 15.05
N GLY A 102 2.72 1.13 16.04
CA GLY A 102 2.54 1.52 17.42
C GLY A 102 1.11 1.45 17.90
N GLY A 103 0.29 0.63 17.26
CA GLY A 103 -1.12 0.57 17.60
C GLY A 103 -1.92 1.76 17.16
N GLN A 104 -1.33 2.67 16.39
CA GLN A 104 -2.00 3.87 15.92
C GLN A 104 -2.09 3.85 14.40
N TYR A 105 -3.17 4.42 13.87
CA TYR A 105 -3.34 4.59 12.44
C TYR A 105 -2.79 5.94 12.04
N TRP A 106 -2.08 5.97 10.90
CA TRP A 106 -1.44 7.18 10.42
C TRP A 106 -1.76 7.37 8.94
N ALA A 107 -1.94 8.62 8.54
CA ALA A 107 -1.72 9.00 7.16
C ALA A 107 -0.24 9.34 7.04
N VAL A 108 0.42 8.75 6.06
CA VAL A 108 1.87 8.91 5.96
C VAL A 108 2.20 10.20 5.22
N THR A 109 1.91 11.33 5.88
CA THR A 109 2.43 12.61 5.46
C THR A 109 3.89 12.73 5.85
N SER A 110 4.55 13.76 5.34
CA SER A 110 5.96 14.00 5.62
C SER A 110 6.16 15.49 5.84
N PRO A 111 7.17 15.88 6.65
CA PRO A 111 8.15 15.02 7.34
C PRO A 111 7.57 14.28 8.54
N GLU A 112 6.41 14.68 9.02
CA GLU A 112 5.77 14.03 10.17
C GLU A 112 4.48 13.36 9.71
N ARG A 113 4.30 12.10 10.11
CA ARG A 113 3.06 11.39 9.87
C ARG A 113 1.91 12.03 10.65
N SER A 114 0.69 11.82 10.15
CA SER A 114 -0.50 12.42 10.75
C SER A 114 -1.32 11.36 11.45
N PRO A 115 -1.52 11.45 12.76
CA PRO A 115 -2.29 10.41 13.46
C PRO A 115 -3.77 10.54 13.16
N LEU A 116 -4.43 9.40 12.96
CA LEU A 116 -5.84 9.37 12.67
C LEU A 116 -6.61 8.82 13.86
N SER A 117 -7.61 9.57 14.31
CA SER A 117 -8.41 9.18 15.45
C SER A 117 -9.67 8.45 15.00
N CYS A 118 -9.47 7.42 14.18
CA CYS A 118 -10.56 6.77 13.47
C CYS A 118 -11.11 5.54 14.17
N GLY A 119 -10.45 5.07 15.23
CA GLY A 119 -10.85 3.83 15.85
C GLY A 119 -10.44 2.63 15.00
N HIS A 120 -10.84 1.45 15.46
CA HIS A 120 -10.39 0.21 14.86
C HIS A 120 -10.83 0.10 13.40
N LEU A 121 -9.90 -0.36 12.55
CA LEU A 121 -10.14 -0.54 11.13
C LEU A 121 -10.14 -2.02 10.79
N SER A 122 -11.12 -2.43 9.96
CA SER A 122 -11.20 -3.81 9.46
C SER A 122 -11.04 -3.88 7.96
N ARG A 123 -11.78 -3.07 7.20
CA ARG A 123 -11.64 -2.98 5.76
C ARG A 123 -11.76 -1.52 5.36
N VAL A 124 -10.96 -1.12 4.39
CA VAL A 124 -10.87 0.27 3.94
C VAL A 124 -11.18 0.33 2.46
N ARG A 125 -12.05 1.27 2.06
CA ARG A 125 -12.30 1.53 0.65
C ARG A 125 -11.40 2.67 0.19
N VAL A 126 -10.66 2.43 -0.89
CA VAL A 126 -9.78 3.43 -1.49
C VAL A 126 -10.48 3.98 -2.73
N ALA A 127 -10.58 5.31 -2.81
CA ALA A 127 -11.18 5.99 -3.95
C ALA A 127 -10.11 6.84 -4.61
N LEU A 128 -9.69 6.44 -5.80
CA LEU A 128 -8.66 7.14 -6.56
C LEU A 128 -9.36 7.96 -7.65
N ASP A 129 -9.04 9.25 -7.71
CA ASP A 129 -9.63 10.14 -8.70
C ASP A 129 -8.49 10.82 -9.46
N LEU A 130 -8.21 10.30 -10.66
CA LEU A 130 -7.16 10.84 -11.51
C LEU A 130 -7.64 12.01 -12.35
N GLU A 131 -8.94 12.29 -12.34
CA GLU A 131 -9.46 13.45 -13.06
C GLU A 131 -9.24 14.73 -12.28
N VAL A 132 -9.51 14.70 -10.97
CA VAL A 132 -9.26 15.86 -10.12
C VAL A 132 -7.95 15.79 -9.36
N GLY A 133 -7.40 14.59 -9.17
CA GLY A 133 -6.13 14.46 -8.48
C GLY A 133 -6.25 14.24 -6.99
N ALA A 134 -6.78 13.09 -6.58
CA ALA A 134 -6.95 12.81 -5.16
C ALA A 134 -6.99 11.31 -4.95
N VAL A 135 -6.57 10.88 -3.77
CA VAL A 135 -6.79 9.51 -3.33
C VAL A 135 -7.33 9.58 -1.91
N SER A 136 -8.46 8.92 -1.67
CA SER A 136 -9.18 9.01 -0.41
C SER A 136 -9.39 7.63 0.18
N PHE A 137 -9.46 7.56 1.50
CA PHE A 137 -9.62 6.32 2.25
C PHE A 137 -10.82 6.44 3.17
N TYR A 138 -11.68 5.41 3.18
CA TYR A 138 -12.89 5.37 3.99
C TYR A 138 -12.99 4.04 4.70
N ALA A 139 -13.38 4.06 5.98
CA ALA A 139 -13.64 2.82 6.71
C ALA A 139 -15.01 2.30 6.30
N VAL A 140 -15.07 1.03 5.88
CA VAL A 140 -16.26 0.57 5.15
C VAL A 140 -17.52 0.47 6.00
N GLU A 141 -17.40 0.32 7.32
CA GLU A 141 -18.60 0.06 8.13
C GLU A 141 -19.58 1.23 8.10
N ASP A 142 -19.06 2.46 8.04
CA ASP A 142 -19.91 3.64 7.95
C ASP A 142 -19.41 4.63 6.89
N MET A 143 -18.41 4.26 6.10
CA MET A 143 -17.77 5.14 5.13
C MET A 143 -17.26 6.43 5.76
N ARG A 144 -16.86 6.38 7.04
CA ARG A 144 -16.25 7.56 7.63
C ARG A 144 -14.93 7.85 6.92
N HIS A 145 -14.69 9.13 6.67
CA HIS A 145 -13.49 9.54 5.97
C HIS A 145 -12.28 9.37 6.87
N LEU A 146 -11.25 8.73 6.34
CA LEU A 146 -9.99 8.57 7.05
C LEU A 146 -8.97 9.62 6.66
N TYR A 147 -8.72 9.79 5.36
CA TYR A 147 -7.75 10.77 4.90
C TYR A 147 -7.88 10.91 3.39
N THR A 148 -7.55 12.10 2.89
CA THR A 148 -7.44 12.35 1.45
C THR A 148 -6.10 13.03 1.18
N PHE A 149 -5.31 12.45 0.29
CA PHE A 149 -4.15 13.13 -0.28
C PHE A 149 -4.61 13.77 -1.59
N ARG A 150 -4.38 15.06 -1.73
CA ARG A 150 -4.63 15.75 -2.98
C ARG A 150 -3.30 15.86 -3.72
N VAL A 151 -3.21 15.23 -4.89
CA VAL A 151 -1.97 15.10 -5.65
C VAL A 151 -2.29 15.31 -7.11
N ASN A 152 -1.51 16.16 -7.79
CA ASN A 152 -1.62 16.26 -9.24
C ASN A 152 -0.76 15.15 -9.83
N PHE A 153 -1.35 13.95 -9.91
CA PHE A 153 -0.62 12.80 -10.43
C PHE A 153 -0.22 13.06 -11.86
N GLN A 154 1.04 12.80 -12.17
CA GLN A 154 1.60 13.14 -13.48
C GLN A 154 2.00 11.90 -14.27
N GLU A 155 1.48 10.73 -13.91
CA GLU A 155 1.85 9.47 -14.52
C GLU A 155 0.87 8.40 -14.03
N ARG A 156 1.08 7.17 -14.48
CA ARG A 156 0.24 6.05 -14.07
C ARG A 156 0.40 5.78 -12.57
N VAL A 157 -0.71 5.41 -11.92
CA VAL A 157 -0.76 5.22 -10.48
C VAL A 157 -1.20 3.79 -10.18
N PHE A 158 -0.48 3.12 -9.28
CA PHE A 158 -0.75 1.72 -8.95
C PHE A 158 -1.15 1.55 -7.50
N PRO A 159 -2.12 0.67 -7.21
CA PRO A 159 -2.37 0.28 -5.82
C PRO A 159 -1.10 -0.30 -5.21
N LEU A 160 -0.81 0.12 -3.98
CA LEU A 160 0.44 -0.18 -3.30
C LEU A 160 0.14 -0.86 -1.96
N PHE A 161 0.97 -1.86 -1.63
CA PHE A 161 0.82 -2.62 -0.39
C PHE A 161 2.21 -2.88 0.18
N SER A 162 2.35 -2.75 1.50
CA SER A 162 3.63 -3.00 2.15
C SER A 162 3.38 -3.65 3.49
N VAL A 163 4.15 -4.70 3.80
CA VAL A 163 4.06 -5.40 5.07
C VAL A 163 5.49 -5.67 5.55
N CYS A 164 5.92 -4.98 6.60
CA CYS A 164 7.31 -5.03 7.03
C CYS A 164 7.52 -5.80 8.33
N SER A 165 6.46 -6.38 8.89
CA SER A 165 6.57 -7.20 10.09
C SER A 165 5.72 -8.45 9.89
N THR A 166 6.11 -9.53 10.55
CA THR A 166 5.25 -10.71 10.59
C THR A 166 4.02 -10.44 11.48
N GLY A 167 3.03 -11.31 11.37
CA GLY A 167 1.86 -11.17 12.22
C GLY A 167 0.84 -10.15 11.79
N THR A 168 0.92 -9.65 10.56
CA THR A 168 -0.16 -8.84 10.01
C THR A 168 -0.24 -9.11 8.52
N TYR A 169 -1.25 -8.53 7.88
CA TYR A 169 -1.51 -8.82 6.47
C TYR A 169 -2.32 -7.69 5.87
N LEU A 170 -2.38 -7.71 4.54
CA LEU A 170 -3.31 -6.90 3.76
C LEU A 170 -3.94 -7.83 2.73
N ARG A 171 -5.20 -7.60 2.41
CA ARG A 171 -5.85 -8.44 1.42
C ARG A 171 -6.84 -7.63 0.60
N ILE A 172 -6.70 -7.71 -0.72
CA ILE A 172 -7.66 -7.10 -1.62
C ILE A 172 -8.99 -7.81 -1.47
N TRP A 173 -10.06 -7.06 -1.30
CA TRP A 173 -11.37 -7.65 -1.12
C TRP A 173 -12.30 -7.10 -2.19
N PRO A 174 -12.99 -7.98 -2.94
CA PRO A 174 -13.89 -7.57 -3.98
C PRO A 174 -15.11 -8.49 -4.08
N PRO B 1 11.87 2.21 13.68
CA PRO B 1 12.87 1.13 13.66
C PRO B 1 12.37 -0.12 12.97
N HIS B 2 11.27 -0.69 13.46
CA HIS B 2 10.67 -1.87 12.85
C HIS B 2 10.04 -1.57 11.50
N THR B 3 9.90 -0.30 11.13
CA THR B 3 9.26 0.10 9.88
C THR B 3 10.24 0.67 8.86
N VAL B 4 11.55 0.48 9.05
CA VAL B 4 12.52 1.06 8.13
C VAL B 4 12.35 0.51 6.72
N LEU B 5 11.87 -0.72 6.58
CA LEU B 5 11.72 -1.35 5.28
C LEU B 5 10.35 -1.14 4.65
N GLN B 6 9.45 -0.40 5.30
CA GLN B 6 8.12 -0.17 4.76
C GLN B 6 8.20 0.36 3.33
#